data_5WKD
# 
_entry.id   5WKD 
# 
_audit_conform.dict_name       mmcif_pdbx.dic 
_audit_conform.dict_version    5.389 
_audit_conform.dict_location   http://mmcif.pdb.org/dictionaries/ascii/mmcif_pdbx.dic 
# 
loop_
_database_2.database_id 
_database_2.database_code 
_database_2.pdbx_database_accession 
_database_2.pdbx_DOI 
PDB   5WKD         pdb_00005wkd 10.2210/pdb5wkd/pdb 
WWPDB D_1000229073 ?            ?                   
# 
loop_
_pdbx_audit_revision_history.ordinal 
_pdbx_audit_revision_history.data_content_type 
_pdbx_audit_revision_history.major_revision 
_pdbx_audit_revision_history.minor_revision 
_pdbx_audit_revision_history.revision_date 
1 'Structure model' 1 0 2018-04-18 
2 'Structure model' 1 1 2018-05-30 
3 'Structure model' 1 2 2018-06-06 
4 'Structure model' 1 3 2018-06-20 
5 'Structure model' 1 4 2019-02-20 
6 'Structure model' 1 5 2019-12-18 
7 'Structure model' 1 6 2024-03-13 
8 'Structure model' 1 7 2024-04-03 
# 
_pdbx_audit_revision_details.ordinal             1 
_pdbx_audit_revision_details.revision_ordinal    1 
_pdbx_audit_revision_details.data_content_type   'Structure model' 
_pdbx_audit_revision_details.provider            repository 
_pdbx_audit_revision_details.type                'Initial release' 
_pdbx_audit_revision_details.description         ? 
_pdbx_audit_revision_details.details             ? 
# 
loop_
_pdbx_audit_revision_group.ordinal 
_pdbx_audit_revision_group.revision_ordinal 
_pdbx_audit_revision_group.data_content_type 
_pdbx_audit_revision_group.group 
1  2 'Structure model' 'Data collection'            
2  2 'Structure model' 'Database references'        
3  3 'Structure model' 'Data collection'            
4  3 'Structure model' 'Database references'        
5  4 'Structure model' 'Data collection'            
6  4 'Structure model' 'Database references'        
7  5 'Structure model' 'Author supporting evidence' 
8  5 'Structure model' 'Data collection'            
9  6 'Structure model' 'Author supporting evidence' 
10 7 'Structure model' 'Data collection'            
11 7 'Structure model' 'Database references'        
12 8 'Structure model' 'Refinement description'     
# 
loop_
_pdbx_audit_revision_category.ordinal 
_pdbx_audit_revision_category.revision_ordinal 
_pdbx_audit_revision_category.data_content_type 
_pdbx_audit_revision_category.category 
1  2 'Structure model' citation                      
2  2 'Structure model' citation_author               
3  3 'Structure model' citation                      
4  4 'Structure model' citation                      
5  5 'Structure model' pdbx_audit_support            
6  6 'Structure model' pdbx_audit_support            
7  7 'Structure model' chem_comp_atom                
8  7 'Structure model' chem_comp_bond                
9  7 'Structure model' database_2                    
10 8 'Structure model' pdbx_initial_refinement_model 
# 
loop_
_pdbx_audit_revision_item.ordinal 
_pdbx_audit_revision_item.revision_ordinal 
_pdbx_audit_revision_item.data_content_type 
_pdbx_audit_revision_item.item 
1  2 'Structure model' '_citation.country'                        
2  2 'Structure model' '_citation.journal_abbrev'                 
3  2 'Structure model' '_citation.journal_id_CSD'                 
4  2 'Structure model' '_citation.journal_id_ISSN'                
5  2 'Structure model' '_citation.pdbx_database_id_DOI'           
6  2 'Structure model' '_citation.title'                          
7  2 'Structure model' '_citation.year'                           
8  3 'Structure model' '_citation.journal_abbrev'                 
9  3 'Structure model' '_citation.pdbx_database_id_PubMed'        
10 3 'Structure model' '_citation.title'                          
11 4 'Structure model' '_citation.journal_volume'                 
12 4 'Structure model' '_citation.page_first'                     
13 4 'Structure model' '_citation.page_last'                      
14 5 'Structure model' '_pdbx_audit_support.funding_organization' 
15 6 'Structure model' '_pdbx_audit_support.funding_organization' 
16 7 'Structure model' '_database_2.pdbx_DOI'                     
17 7 'Structure model' '_database_2.pdbx_database_accession'      
# 
_pdbx_database_status.status_code                     REL 
_pdbx_database_status.status_code_sf                  REL 
_pdbx_database_status.status_code_mr                  ? 
_pdbx_database_status.entry_id                        5WKD 
_pdbx_database_status.recvd_initial_deposition_date   2017-07-25 
_pdbx_database_status.SG_entry                        N 
_pdbx_database_status.deposit_site                    RCSB 
_pdbx_database_status.process_site                    RCSB 
_pdbx_database_status.status_code_cs                  ? 
_pdbx_database_status.methods_development_category    ? 
_pdbx_database_status.pdb_format_compatible           Y 
_pdbx_database_status.status_code_nmr_data            ? 
# 
loop_
_audit_author.name 
_audit_author.pdbx_ordinal 
_audit_author.identifier_ORCID 
'Guenther, E.L.'  1 ? 
'Trinh, H.'       2 ? 
'Sawaya, M.R.'    3 ? 
'Cascio, D.'      4 ? 
'Eisenberg, D.S.' 5 ? 
# 
_citation.abstract                  ? 
_citation.abstract_id_CAS           ? 
_citation.book_id_ISBN              ? 
_citation.book_publisher            ? 
_citation.book_publisher_city       ? 
_citation.book_title                ? 
_citation.coordinate_linkage        ? 
_citation.country                   US 
_citation.database_id_Medline       ? 
_citation.details                   ? 
_citation.id                        primary 
_citation.journal_abbrev            'Nat. Struct. Mol. Biol.' 
_citation.journal_id_ASTM           ? 
_citation.journal_id_CSD            ? 
_citation.journal_id_ISSN           1545-9985 
_citation.journal_full              ? 
_citation.journal_issue             ? 
_citation.journal_volume            25 
_citation.language                  ? 
_citation.page_first                463 
_citation.page_last                 471 
_citation.title                     
'Atomic structures of TDP-43 LCD segments and insights into reversible or pathogenic aggregation.' 
_citation.year                      2018 
_citation.database_id_CSD           ? 
_citation.pdbx_database_id_DOI      10.1038/s41594-018-0064-2 
_citation.pdbx_database_id_PubMed   29786080 
_citation.unpublished_flag          ? 
# 
loop_
_citation_author.citation_id 
_citation_author.name 
_citation_author.ordinal 
_citation_author.identifier_ORCID 
primary 'Guenther, E.L.'  1  ? 
primary 'Cao, Q.'         2  ? 
primary 'Trinh, H.'       3  ? 
primary 'Lu, J.'          4  ? 
primary 'Sawaya, M.R.'    5  ? 
primary 'Cascio, D.'      6  ? 
primary 'Boyer, D.R.'     7  ? 
primary 'Rodriguez, J.A.' 8  ? 
primary 'Hughes, M.P.'    9  ? 
primary 'Eisenberg, D.S.' 10 ? 
# 
loop_
_entity.id 
_entity.type 
_entity.src_method 
_entity.pdbx_description 
_entity.formula_weight 
_entity.pdbx_number_of_molecules 
_entity.pdbx_ec 
_entity.pdbx_mutation 
_entity.pdbx_fragment 
_entity.details 
1 polymer syn 'TAR DNA-binding protein 43' 689.634 1 ? ? 'UNP residues 300-306' ? 
2 water   nat water                        18.015  2 ? ? ?                      ? 
# 
_entity_name_com.entity_id   1 
_entity_name_com.name        TDP-43 
# 
_entity_poly.entity_id                      1 
_entity_poly.type                           'polypeptide(L)' 
_entity_poly.nstd_linkage                   no 
_entity_poly.nstd_monomer                   no 
_entity_poly.pdbx_seq_one_letter_code       GNNQGSN 
_entity_poly.pdbx_seq_one_letter_code_can   GNNQGSN 
_entity_poly.pdbx_strand_id                 A 
_entity_poly.pdbx_target_identifier         ? 
# 
_pdbx_entity_nonpoly.entity_id   2 
_pdbx_entity_nonpoly.name        water 
_pdbx_entity_nonpoly.comp_id     HOH 
# 
loop_
_entity_poly_seq.entity_id 
_entity_poly_seq.num 
_entity_poly_seq.mon_id 
_entity_poly_seq.hetero 
1 1 GLY n 
1 2 ASN n 
1 3 ASN n 
1 4 GLN n 
1 5 GLY n 
1 6 SER n 
1 7 ASN n 
# 
_pdbx_entity_src_syn.entity_id              1 
_pdbx_entity_src_syn.pdbx_src_id            1 
_pdbx_entity_src_syn.pdbx_alt_source_flag   sample 
_pdbx_entity_src_syn.pdbx_beg_seq_num       1 
_pdbx_entity_src_syn.pdbx_end_seq_num       7 
_pdbx_entity_src_syn.organism_scientific    'Homo sapiens' 
_pdbx_entity_src_syn.organism_common_name   Human 
_pdbx_entity_src_syn.ncbi_taxonomy_id       9606 
_pdbx_entity_src_syn.details                ? 
# 
loop_
_chem_comp.id 
_chem_comp.type 
_chem_comp.mon_nstd_flag 
_chem_comp.name 
_chem_comp.pdbx_synonyms 
_chem_comp.formula 
_chem_comp.formula_weight 
ASN 'L-peptide linking' y ASPARAGINE ? 'C4 H8 N2 O3'  132.118 
GLN 'L-peptide linking' y GLUTAMINE  ? 'C5 H10 N2 O3' 146.144 
GLY 'peptide linking'   y GLYCINE    ? 'C2 H5 N O2'   75.067  
HOH non-polymer         . WATER      ? 'H2 O'         18.015  
SER 'L-peptide linking' y SERINE     ? 'C3 H7 N O3'   105.093 
# 
loop_
_pdbx_poly_seq_scheme.asym_id 
_pdbx_poly_seq_scheme.entity_id 
_pdbx_poly_seq_scheme.seq_id 
_pdbx_poly_seq_scheme.mon_id 
_pdbx_poly_seq_scheme.ndb_seq_num 
_pdbx_poly_seq_scheme.pdb_seq_num 
_pdbx_poly_seq_scheme.auth_seq_num 
_pdbx_poly_seq_scheme.pdb_mon_id 
_pdbx_poly_seq_scheme.auth_mon_id 
_pdbx_poly_seq_scheme.pdb_strand_id 
_pdbx_poly_seq_scheme.pdb_ins_code 
_pdbx_poly_seq_scheme.hetero 
A 1 1 GLY 1 300 1 GLY GLY A . n 
A 1 2 ASN 2 301 2 ASN ASN A . n 
A 1 3 ASN 3 302 3 ASN ASN A . n 
A 1 4 GLN 4 303 4 GLN GLN A . n 
A 1 5 GLY 5 304 5 GLY GLY A . n 
A 1 6 SER 6 305 6 SER SER A . n 
A 1 7 ASN 7 306 7 ASN ASN A . n 
# 
loop_
_pdbx_nonpoly_scheme.asym_id 
_pdbx_nonpoly_scheme.entity_id 
_pdbx_nonpoly_scheme.mon_id 
_pdbx_nonpoly_scheme.ndb_seq_num 
_pdbx_nonpoly_scheme.pdb_seq_num 
_pdbx_nonpoly_scheme.auth_seq_num 
_pdbx_nonpoly_scheme.pdb_mon_id 
_pdbx_nonpoly_scheme.auth_mon_id 
_pdbx_nonpoly_scheme.pdb_strand_id 
_pdbx_nonpoly_scheme.pdb_ins_code 
B 2 HOH 1 401 1 HOH HOH A . 
B 2 HOH 2 402 2 HOH HOH A . 
# 
loop_
_software.citation_id 
_software.classification 
_software.compiler_name 
_software.compiler_version 
_software.contact_author 
_software.contact_author_email 
_software.date 
_software.description 
_software.dependencies 
_software.hardware 
_software.language 
_software.location 
_software.mods 
_software.name 
_software.os 
_software.os_version 
_software.type 
_software.version 
_software.pdbx_ordinal 
? refinement        ? ? ? ? ? ? ? ? ? ? ? REFMAC      ? ? ? .    1 
? 'data scaling'    ? ? ? ? ? ? ? ? ? ? ? SCALEPACK   ? ? ? .    2 
? 'data extraction' ? ? ? ? ? ? ? ? ? ? ? PDB_EXTRACT ? ? ? 3.22 3 
? 'data reduction'  ? ? ? ? ? ? ? ? ? ? ? DENZO       ? ? ? .    4 
? phasing           ? ? ? ? ? ? ? ? ? ? ? PHASER      ? ? ? .    5 
# 
_cell.length_a           50.347 
_cell.length_b           4.777 
_cell.length_c           14.746 
_cell.angle_alpha        90.000 
_cell.angle_beta         101.730 
_cell.angle_gamma        90.000 
_cell.entry_id           5WKD 
_cell.Z_PDB              4 
_cell.pdbx_unique_axis   ? 
# 
_symmetry.space_group_name_H-M             'C 1 2 1' 
_symmetry.entry_id                         5WKD 
_symmetry.Int_Tables_number                5 
_symmetry.pdbx_full_space_group_name_H-M   ? 
_symmetry.cell_setting                     ? 
# 
_exptl.absorpt_coefficient_mu     ? 
_exptl.absorpt_correction_T_max   ? 
_exptl.absorpt_correction_T_min   ? 
_exptl.absorpt_correction_type    ? 
_exptl.absorpt_process_details    ? 
_exptl.entry_id                   5WKD 
_exptl.crystals_number            1 
_exptl.details                    ? 
_exptl.method                     'X-RAY DIFFRACTION' 
_exptl.method_details             ? 
# 
_exptl_crystal.colour                      ? 
_exptl_crystal.density_diffrn              ? 
_exptl_crystal.density_Matthews            1.26 
_exptl_crystal.density_method              ? 
_exptl_crystal.density_percent_sol         2.45 
_exptl_crystal.description                 ? 
_exptl_crystal.F_000                       ? 
_exptl_crystal.id                          1 
_exptl_crystal.preparation                 ? 
_exptl_crystal.size_max                    ? 
_exptl_crystal.size_mid                    ? 
_exptl_crystal.size_min                    ? 
_exptl_crystal.size_rad                    ? 
_exptl_crystal.colour_lustre               ? 
_exptl_crystal.colour_modifier             ? 
_exptl_crystal.colour_primary              ? 
_exptl_crystal.density_meas                ? 
_exptl_crystal.density_meas_esd            ? 
_exptl_crystal.density_meas_gt             ? 
_exptl_crystal.density_meas_lt             ? 
_exptl_crystal.density_meas_temp           ? 
_exptl_crystal.density_meas_temp_esd       ? 
_exptl_crystal.density_meas_temp_gt        ? 
_exptl_crystal.density_meas_temp_lt        ? 
_exptl_crystal.pdbx_crystal_image_url      ? 
_exptl_crystal.pdbx_crystal_image_format   ? 
_exptl_crystal.pdbx_mosaicity              ? 
_exptl_crystal.pdbx_mosaicity_esd          ? 
# 
_exptl_crystal_grow.apparatus       ? 
_exptl_crystal_grow.atmosphere      ? 
_exptl_crystal_grow.crystal_id      1 
_exptl_crystal_grow.details         ? 
_exptl_crystal_grow.method          'VAPOR DIFFUSION, HANGING DROP' 
_exptl_crystal_grow.method_ref      ? 
_exptl_crystal_grow.pH              7.5 
_exptl_crystal_grow.pressure        ? 
_exptl_crystal_grow.pressure_esd    ? 
_exptl_crystal_grow.seeding         ? 
_exptl_crystal_grow.seeding_ref     ? 
_exptl_crystal_grow.temp            298 
_exptl_crystal_grow.temp_details    ? 
_exptl_crystal_grow.temp_esd        ? 
_exptl_crystal_grow.time            ? 
_exptl_crystal_grow.pdbx_details    '100mM Bis-Tris propane, pH 7.5, 200 mM sodium sulfate, 20% PEG3350' 
_exptl_crystal_grow.pdbx_pH_range   ? 
# 
_diffrn.ambient_environment    ? 
_diffrn.ambient_temp           100 
_diffrn.ambient_temp_details   ? 
_diffrn.ambient_temp_esd       ? 
_diffrn.crystal_id             1 
_diffrn.crystal_support        ? 
_diffrn.crystal_treatment      ? 
_diffrn.details                ? 
_diffrn.id                     1 
_diffrn.ambient_pressure       ? 
_diffrn.ambient_pressure_esd   ? 
_diffrn.ambient_pressure_gt    ? 
_diffrn.ambient_pressure_lt    ? 
_diffrn.ambient_temp_gt        ? 
_diffrn.ambient_temp_lt        ? 
# 
_diffrn_detector.details                      ? 
_diffrn_detector.detector                     CCD 
_diffrn_detector.diffrn_id                    1 
_diffrn_detector.type                         'ADSC QUANTUM 315' 
_diffrn_detector.area_resol_mean              ? 
_diffrn_detector.dtime                        ? 
_diffrn_detector.pdbx_frames_total            ? 
_diffrn_detector.pdbx_collection_time_total   ? 
_diffrn_detector.pdbx_collection_date         2014-08-13 
# 
_diffrn_radiation.collimation                      ? 
_diffrn_radiation.diffrn_id                        1 
_diffrn_radiation.filter_edge                      ? 
_diffrn_radiation.inhomogeneity                    ? 
_diffrn_radiation.monochromator                    'Si(220)' 
_diffrn_radiation.polarisn_norm                    ? 
_diffrn_radiation.polarisn_ratio                   ? 
_diffrn_radiation.probe                            ? 
_diffrn_radiation.type                             ? 
_diffrn_radiation.xray_symbol                      ? 
_diffrn_radiation.wavelength_id                    1 
_diffrn_radiation.pdbx_monochromatic_or_laue_m_l   M 
_diffrn_radiation.pdbx_wavelength_list             ? 
_diffrn_radiation.pdbx_wavelength                  ? 
_diffrn_radiation.pdbx_diffrn_protocol             'SINGLE WAVELENGTH' 
_diffrn_radiation.pdbx_analyzer                    ? 
_diffrn_radiation.pdbx_scattering_type             x-ray 
# 
_diffrn_radiation_wavelength.id           1 
_diffrn_radiation_wavelength.wavelength   0.9791 
_diffrn_radiation_wavelength.wt           1.0 
# 
_diffrn_source.current                     ? 
_diffrn_source.details                     ? 
_diffrn_source.diffrn_id                   1 
_diffrn_source.power                       ? 
_diffrn_source.size                        ? 
_diffrn_source.source                      SYNCHROTRON 
_diffrn_source.target                      ? 
_diffrn_source.type                        'APS BEAMLINE 24-ID-E' 
_diffrn_source.voltage                     ? 
_diffrn_source.take-off_angle              ? 
_diffrn_source.pdbx_wavelength_list        0.9791 
_diffrn_source.pdbx_wavelength             ? 
_diffrn_source.pdbx_synchrotron_beamline   24-ID-E 
_diffrn_source.pdbx_synchrotron_site       APS 
# 
_reflns.entry_id                     5WKD 
_reflns.pdbx_diffrn_id               1 
_reflns.pdbx_ordinal                 1 
_reflns.observed_criterion_sigma_I   ? 
_reflns.observed_criterion_sigma_F   ? 
_reflns.d_resolution_low             100.000 
_reflns.d_resolution_high            1.800 
_reflns.number_obs                   373 
_reflns.number_all                   ? 
_reflns.percent_possible_obs         91.600 
_reflns.pdbx_Rmerge_I_obs            0.158 
_reflns.pdbx_Rsym_value              ? 
_reflns.pdbx_netI_over_sigmaI        5.400 
_reflns.B_iso_Wilson_estimate        ? 
_reflns.pdbx_redundancy              2.300 
_reflns.pdbx_Rrim_I_all              ? 
_reflns.pdbx_Rpim_I_all              ? 
_reflns.pdbx_CC_half                 ? 
_reflns.pdbx_netI_over_av_sigmaI     ? 
_reflns.pdbx_number_measured_all     845 
_reflns.pdbx_scaling_rejects         ? 
_reflns.pdbx_chi_squared             2.003 
_reflns.Rmerge_F_all                 ? 
_reflns.Rmerge_F_obs                 ? 
_reflns.observed_criterion_F_max     ? 
_reflns.observed_criterion_F_min     ? 
_reflns.observed_criterion_I_max     ? 
_reflns.observed_criterion_I_min     ? 
_reflns.pdbx_d_res_high_opt          ? 
_reflns.pdbx_d_res_low_opt           ? 
_reflns.details                      ? 
# 
loop_
_reflns_shell.pdbx_diffrn_id 
_reflns_shell.pdbx_ordinal 
_reflns_shell.d_res_high 
_reflns_shell.d_res_low 
_reflns_shell.number_measured_obs 
_reflns_shell.number_measured_all 
_reflns_shell.number_unique_obs 
_reflns_shell.pdbx_rejects 
_reflns_shell.Rmerge_I_obs 
_reflns_shell.meanI_over_sigI_obs 
_reflns_shell.pdbx_Rsym_value 
_reflns_shell.pdbx_chi_squared 
_reflns_shell.pdbx_redundancy 
_reflns_shell.percent_possible_obs 
_reflns_shell.pdbx_netI_over_sigmaI_obs 
_reflns_shell.number_possible 
_reflns_shell.number_unique_all 
_reflns_shell.Rmerge_F_all 
_reflns_shell.Rmerge_F_obs 
_reflns_shell.Rmerge_I_all 
_reflns_shell.meanI_over_sigI_all 
_reflns_shell.percent_possible_all 
_reflns_shell.pdbx_Rrim_I_all 
_reflns_shell.pdbx_Rpim_I_all 
_reflns_shell.pdbx_CC_half 
1 1  1.800 1.860   ? ? 28 ? 0.250 ? ? 2.711 2.200 ? ? ? ? ? ? ? ? 84.800 ? ? ? 
1 2  1.860 1.940   ? ? 39 ? 0.254 ? ? 3.034 2.400 ? ? ? ? ? ? ? ? 88.600 ? ? ? 
1 3  1.940 2.030   ? ? 36 ? 0.316 ? ? 2.952 2.200 ? ? ? ? ? ? ? ? 92.300 ? ? ? 
1 4  2.030 2.130   ? ? 33 ? 0.164 ? ? 1.670 2.400 ? ? ? ? ? ? ? ? 97.100 ? ? ? 
1 5  2.130 2.270   ? ? 45 ? 0.285 ? ? 2.188 2.300 ? ? ? ? ? ? ? ? 90.000 ? ? ? 
1 6  2.270 2.440   ? ? 35 ? 0.242 ? ? 2.095 2.000 ? ? ? ? ? ? ? ? 89.700 ? ? ? 
1 7  2.440 2.690   ? ? 35 ? 0.175 ? ? 1.611 2.500 ? ? ? ? ? ? ? ? 94.600 ? ? ? 
1 8  2.690 3.080   ? ? 36 ? 0.111 ? ? 1.492 2.500 ? ? ? ? ? ? ? ? 92.300 ? ? ? 
1 9  3.080 3.880   ? ? 41 ? 0.125 ? ? 0.818 2.400 ? ? ? ? ? ? ? ? 97.600 ? ? ? 
1 10 3.880 100.000 ? ? 45 ? 0.075 ? ? 1.906 2.000 ? ? ? ? ? ? ? ? 90.000 ? ? ? 
# 
_refine.entry_id                                 5WKD 
_refine.pdbx_refine_id                           'X-RAY DIFFRACTION' 
_refine.ls_d_res_high                            1.8000 
_refine.ls_d_res_low                             24.6500 
_refine.pdbx_ls_sigma_F                          0.000 
_refine.pdbx_data_cutoff_high_absF               ? 
_refine.pdbx_data_cutoff_low_absF                ? 
_refine.ls_percent_reflns_obs                    90.3900 
_refine.ls_number_reflns_obs                     345 
_refine.ls_number_reflns_all                     ? 
_refine.pdbx_ls_cross_valid_method               THROUGHOUT 
_refine.ls_matrix_type                           ? 
_refine.pdbx_R_Free_selection_details            RANDOM 
_refine.details                                  'HYDROGENS HAVE BEEN ADDED IN THE RIDING POSITIONS' 
_refine.ls_R_factor_all                          ? 
_refine.ls_R_factor_obs                          0.1843 
_refine.ls_R_factor_R_work                       0.1837 
_refine.ls_wR_factor_R_work                      0.1674 
_refine.ls_R_factor_R_free                       0.1949 
_refine.ls_wR_factor_R_free                      0.1803 
_refine.ls_percent_reflns_R_free                 6.0000 
_refine.ls_number_reflns_R_free                  22 
_refine.ls_number_reflns_R_work                  ? 
_refine.ls_R_factor_R_free_error                 ? 
_refine.B_iso_mean                               8.8260 
_refine.solvent_model_param_bsol                 ? 
_refine.solvent_model_param_ksol                 ? 
_refine.pdbx_isotropic_thermal_model             ? 
_refine.aniso_B[1][1]                            -0.1600 
_refine.aniso_B[2][2]                            -0.2400 
_refine.aniso_B[3][3]                            0.3200 
_refine.aniso_B[1][2]                            0.0000 
_refine.aniso_B[1][3]                            0.1400 
_refine.aniso_B[2][3]                            -0.0000 
_refine.correlation_coeff_Fo_to_Fc               0.9610 
_refine.correlation_coeff_Fo_to_Fc_free          0.9500 
_refine.overall_SU_R_Cruickshank_DPI             0.2052 
_refine.pdbx_overall_SU_R_free_Cruickshank_DPI   ? 
_refine.pdbx_overall_SU_R_Blow_DPI               ? 
_refine.pdbx_overall_SU_R_free_Blow_DPI          ? 
_refine.overall_SU_R_free                        0.1412 
_refine.pdbx_overall_ESU_R                       0.2050 
_refine.pdbx_overall_ESU_R_Free                  0.1410 
_refine.overall_SU_ML                            0.1140 
_refine.overall_SU_B                             3.9150 
_refine.solvent_model_details                    MASK 
_refine.pdbx_solvent_vdw_probe_radii             1.2000 
_refine.pdbx_solvent_ion_probe_radii             0.8000 
_refine.pdbx_solvent_shrinkage_radii             0.8000 
_refine.ls_number_parameters                     ? 
_refine.ls_number_restraints                     ? 
_refine.pdbx_starting_model                      'idealized beta strand' 
_refine.pdbx_method_to_determine_struct          'MOLECULAR REPLACEMENT' 
_refine.pdbx_stereochemistry_target_values       'MAXIMUM LIKELIHOOD' 
_refine.pdbx_stereochem_target_val_spec_case     ? 
_refine.overall_FOM_work_R_set                   0.8177 
_refine.B_iso_max                                24.530 
_refine.B_iso_min                                4.440 
_refine.pdbx_overall_phase_error                 ? 
_refine.occupancy_max                            ? 
_refine.occupancy_min                            ? 
_refine.pdbx_diffrn_id                           1 
_refine.pdbx_TLS_residual_ADP_flag               ? 
_refine.pdbx_ls_sigma_I                          ? 
_refine.pdbx_data_cutoff_high_rms_absF           ? 
_refine.ls_R_factor_R_free_error_details         ? 
# 
_refine_hist.cycle_id                         final 
_refine_hist.pdbx_refine_id                   'X-RAY DIFFRACTION' 
_refine_hist.d_res_high                       1.8000 
_refine_hist.d_res_low                        24.6500 
_refine_hist.pdbx_number_atoms_ligand         0 
_refine_hist.number_atoms_solvent             2 
_refine_hist.number_atoms_total               50 
_refine_hist.pdbx_number_residues_total       7 
_refine_hist.pdbx_B_iso_mean_solvent          16.87 
_refine_hist.pdbx_number_atoms_protein        48 
_refine_hist.pdbx_number_atoms_nucleic_acid   0 
# 
loop_
_refine_ls_restr.pdbx_refine_id 
_refine_ls_restr.type 
_refine_ls_restr.number 
_refine_ls_restr.dev_ideal 
_refine_ls_restr.dev_ideal_target 
_refine_ls_restr.weight 
_refine_ls_restr.pdbx_restraint_function 
'X-RAY DIFFRACTION' r_bond_refined_d       47 0.021  0.019  ? ? 
'X-RAY DIFFRACTION' r_bond_other_d         30 0.020  0.020  ? ? 
'X-RAY DIFFRACTION' r_angle_refined_deg    62 1.804  1.873  ? ? 
'X-RAY DIFFRACTION' r_angle_other_deg      73 0.838  3.000  ? ? 
'X-RAY DIFFRACTION' r_dihedral_angle_1_deg 6  4.310  5.000  ? ? 
'X-RAY DIFFRACTION' r_dihedral_angle_2_deg 4  61.302 30.000 ? ? 
'X-RAY DIFFRACTION' r_dihedral_angle_3_deg 6  6.174  15.000 ? ? 
'X-RAY DIFFRACTION' r_chiral_restr         5  0.097  0.200  ? ? 
'X-RAY DIFFRACTION' r_gen_planes_refined   62 0.008  0.020  ? ? 
'X-RAY DIFFRACTION' r_gen_planes_other     6  0.000  0.020  ? ? 
# 
_refine_ls_shell.d_res_high                       1.8020 
_refine_ls_shell.d_res_low                        1.8490 
_refine_ls_shell.pdbx_total_number_of_bins_used   20 
_refine_ls_shell.percent_reflns_obs               70.5900 
_refine_ls_shell.number_reflns_R_work             23 
_refine_ls_shell.R_factor_all                     ? 
_refine_ls_shell.R_factor_R_work                  0.2930 
_refine_ls_shell.R_factor_R_free                  0.4030 
_refine_ls_shell.percent_reflns_R_free            ? 
_refine_ls_shell.number_reflns_R_free             1 
_refine_ls_shell.R_factor_R_free_error            0.0000 
_refine_ls_shell.number_reflns_all                24 
_refine_ls_shell.number_reflns_obs                ? 
_refine_ls_shell.pdbx_refine_id                   'X-RAY DIFFRACTION' 
# 
_struct.entry_id                     5WKD 
_struct.title                        
'Crystal structure of the segment, GNNQGSN, from the low complexity domain of TDP-43, residues 300-306' 
_struct.pdbx_model_details           ? 
_struct.pdbx_formula_weight          ? 
_struct.pdbx_formula_weight_method   ? 
_struct.pdbx_model_type_details      ? 
_struct.pdbx_CASP_flag               N 
# 
_struct_keywords.entry_id        5WKD 
_struct_keywords.text            'TDP-43, amyloid, low complexity domain, PROTEIN FIBRIL' 
_struct_keywords.pdbx_keywords   'PROTEIN FIBRIL' 
# 
loop_
_struct_asym.id 
_struct_asym.pdbx_blank_PDB_chainid_flag 
_struct_asym.pdbx_modified 
_struct_asym.entity_id 
_struct_asym.details 
A N N 1 ? 
B N N 2 ? 
# 
_struct_ref.id                         1 
_struct_ref.db_name                    UNP 
_struct_ref.db_code                    TADBP_HUMAN 
_struct_ref.pdbx_db_accession          Q13148 
_struct_ref.pdbx_db_isoform            ? 
_struct_ref.entity_id                  1 
_struct_ref.pdbx_seq_one_letter_code   GNNQGSN 
_struct_ref.pdbx_align_begin           300 
# 
_struct_ref_seq.align_id                      1 
_struct_ref_seq.ref_id                        1 
_struct_ref_seq.pdbx_PDB_id_code              5WKD 
_struct_ref_seq.pdbx_strand_id                A 
_struct_ref_seq.seq_align_beg                 1 
_struct_ref_seq.pdbx_seq_align_beg_ins_code   ? 
_struct_ref_seq.seq_align_end                 7 
_struct_ref_seq.pdbx_seq_align_end_ins_code   ? 
_struct_ref_seq.pdbx_db_accession             Q13148 
_struct_ref_seq.db_align_beg                  300 
_struct_ref_seq.pdbx_db_align_beg_ins_code    ? 
_struct_ref_seq.db_align_end                  306 
_struct_ref_seq.pdbx_db_align_end_ins_code    ? 
_struct_ref_seq.pdbx_auth_seq_align_beg       300 
_struct_ref_seq.pdbx_auth_seq_align_end       306 
# 
_pdbx_struct_assembly.id                   1 
_pdbx_struct_assembly.details              author_defined_assembly 
_pdbx_struct_assembly.method_details       ? 
_pdbx_struct_assembly.oligomeric_details   decameric 
_pdbx_struct_assembly.oligomeric_count     10 
# 
loop_
_pdbx_struct_assembly_gen.assembly_id 
_pdbx_struct_assembly_gen.oper_expression 
_pdbx_struct_assembly_gen.asym_id_list 
1 1  A,B 
1 2  A,B 
1 3  A,B 
1 4  A,B 
1 5  A,B 
1 6  A,B 
1 7  A,B 
1 8  A,B 
1 9  A,B 
1 10 A,B 
# 
_pdbx_struct_assembly_auth_evidence.id                     1 
_pdbx_struct_assembly_auth_evidence.assembly_id            1 
_pdbx_struct_assembly_auth_evidence.experimental_support   none 
_pdbx_struct_assembly_auth_evidence.details                ? 
# 
loop_
_pdbx_struct_oper_list.id 
_pdbx_struct_oper_list.type 
_pdbx_struct_oper_list.name 
_pdbx_struct_oper_list.symmetry_operation 
_pdbx_struct_oper_list.matrix[1][1] 
_pdbx_struct_oper_list.matrix[1][2] 
_pdbx_struct_oper_list.matrix[1][3] 
_pdbx_struct_oper_list.vector[1] 
_pdbx_struct_oper_list.matrix[2][1] 
_pdbx_struct_oper_list.matrix[2][2] 
_pdbx_struct_oper_list.matrix[2][3] 
_pdbx_struct_oper_list.vector[2] 
_pdbx_struct_oper_list.matrix[3][1] 
_pdbx_struct_oper_list.matrix[3][2] 
_pdbx_struct_oper_list.matrix[3][3] 
_pdbx_struct_oper_list.vector[3] 
1  'identity operation'         1_555 x,y,z           1.0000000000  0.0000000000 0.0000000000  0.0000000000  0.0000000000 1.0000000000 0.0000000000  0.0000000000  0.0000000000  0.0000000000  1.0000000000  0.0000000000  
2  'crystal symmetry operation' 1_565 x,y+1,z         1.0000000000  0.0000000000 0.0000000000  -1.7400517659 0.0000000000 1.0000000000 0.0000000000  -3.8144843298 0.0000000000  0.0000000000  1.0000000000  2.2894667828  
3  'crystal symmetry operation' 1_575 x,y+2,z         1.0000000000  0.0000000000 0.0000000000  -3.4801035318 0.0000000000 1.0000000000 0.0000000000  -7.6289686596 0.0000000000  0.0000000000  1.0000000000  4.5789335656  
4  'crystal symmetry operation' 1_545 x,y-1,z         1.0000000000  0.0000000000 0.0000000000  1.7400517659  0.0000000000 1.0000000000 0.0000000000  3.8144843298  0.0000000000  0.0000000000  1.0000000000  -2.2894667828 
5  'crystal symmetry operation' 1_535 x,y-2,z         1.0000000000  0.0000000000 0.0000000000  3.4801035318  0.0000000000 1.0000000000 0.0000000000  7.6289686596  0.0000000000  0.0000000000  1.0000000000  -4.5789335656 
6  'crystal symmetry operation' 4_555 -x+1/2,y+1/2,-z -0.7346348725 0.5817247167 -0.3491532015 1.2739780940  0.5817247167 0.2752378174 -0.7654021804 0.3640370001  -0.3491532015 -0.7654021804 -0.5406029450 6.5584117128  
7  'crystal symmetry operation' 4_565 -x+1/2,y+3/2,-z -0.7346348725 0.5817247167 -0.3491532015 -0.4660736720 0.5817247167 0.2752378174 -0.7654021804 -3.4504473297 -0.3491532015 -0.7654021804 -0.5406029450 8.8478784956  
8  'crystal symmetry operation' 4_575 -x+1/2,y+5/2,-z -0.7346348725 0.5817247167 -0.3491532015 -2.2061254379 0.5817247167 0.2752378174 -0.7654021804 -7.2649316595 -0.3491532015 -0.7654021804 -0.5406029450 11.1373452785 
9  'crystal symmetry operation' 4_545 -x+1/2,y-1/2,-z -0.7346348725 0.5817247167 -0.3491532015 3.0140298599  0.5817247167 0.2752378174 -0.7654021804 4.1785213299  -0.3491532015 -0.7654021804 -0.5406029450 4.2689449300  
10 'crystal symmetry operation' 4_535 -x+1/2,y-3/2,-z -0.7346348725 0.5817247167 -0.3491532015 4.7540816258  0.5817247167 0.2752378174 -0.7654021804 7.9930056597  -0.3491532015 -0.7654021804 -0.5406029450 1.9794781472 
# 
_pdbx_struct_special_symmetry.id              1 
_pdbx_struct_special_symmetry.PDB_model_num   1 
_pdbx_struct_special_symmetry.auth_asym_id    A 
_pdbx_struct_special_symmetry.auth_comp_id    HOH 
_pdbx_struct_special_symmetry.auth_seq_id     401 
_pdbx_struct_special_symmetry.PDB_ins_code    ? 
_pdbx_struct_special_symmetry.label_asym_id   B 
_pdbx_struct_special_symmetry.label_comp_id   HOH 
_pdbx_struct_special_symmetry.label_seq_id    . 
# 
loop_
_chem_comp_atom.comp_id 
_chem_comp_atom.atom_id 
_chem_comp_atom.type_symbol 
_chem_comp_atom.pdbx_aromatic_flag 
_chem_comp_atom.pdbx_stereo_config 
_chem_comp_atom.pdbx_ordinal 
ASN N    N N N 1  
ASN CA   C N S 2  
ASN C    C N N 3  
ASN O    O N N 4  
ASN CB   C N N 5  
ASN CG   C N N 6  
ASN OD1  O N N 7  
ASN ND2  N N N 8  
ASN OXT  O N N 9  
ASN H    H N N 10 
ASN H2   H N N 11 
ASN HA   H N N 12 
ASN HB2  H N N 13 
ASN HB3  H N N 14 
ASN HD21 H N N 15 
ASN HD22 H N N 16 
ASN HXT  H N N 17 
GLN N    N N N 18 
GLN CA   C N S 19 
GLN C    C N N 20 
GLN O    O N N 21 
GLN CB   C N N 22 
GLN CG   C N N 23 
GLN CD   C N N 24 
GLN OE1  O N N 25 
GLN NE2  N N N 26 
GLN OXT  O N N 27 
GLN H    H N N 28 
GLN H2   H N N 29 
GLN HA   H N N 30 
GLN HB2  H N N 31 
GLN HB3  H N N 32 
GLN HG2  H N N 33 
GLN HG3  H N N 34 
GLN HE21 H N N 35 
GLN HE22 H N N 36 
GLN HXT  H N N 37 
GLY N    N N N 38 
GLY CA   C N N 39 
GLY C    C N N 40 
GLY O    O N N 41 
GLY OXT  O N N 42 
GLY H    H N N 43 
GLY H2   H N N 44 
GLY HA2  H N N 45 
GLY HA3  H N N 46 
GLY HXT  H N N 47 
HOH O    O N N 48 
HOH H1   H N N 49 
HOH H2   H N N 50 
SER N    N N N 51 
SER CA   C N S 52 
SER C    C N N 53 
SER O    O N N 54 
SER CB   C N N 55 
SER OG   O N N 56 
SER OXT  O N N 57 
SER H    H N N 58 
SER H2   H N N 59 
SER HA   H N N 60 
SER HB2  H N N 61 
SER HB3  H N N 62 
SER HG   H N N 63 
SER HXT  H N N 64 
# 
loop_
_chem_comp_bond.comp_id 
_chem_comp_bond.atom_id_1 
_chem_comp_bond.atom_id_2 
_chem_comp_bond.value_order 
_chem_comp_bond.pdbx_aromatic_flag 
_chem_comp_bond.pdbx_stereo_config 
_chem_comp_bond.pdbx_ordinal 
ASN N   CA   sing N N 1  
ASN N   H    sing N N 2  
ASN N   H2   sing N N 3  
ASN CA  C    sing N N 4  
ASN CA  CB   sing N N 5  
ASN CA  HA   sing N N 6  
ASN C   O    doub N N 7  
ASN C   OXT  sing N N 8  
ASN CB  CG   sing N N 9  
ASN CB  HB2  sing N N 10 
ASN CB  HB3  sing N N 11 
ASN CG  OD1  doub N N 12 
ASN CG  ND2  sing N N 13 
ASN ND2 HD21 sing N N 14 
ASN ND2 HD22 sing N N 15 
ASN OXT HXT  sing N N 16 
GLN N   CA   sing N N 17 
GLN N   H    sing N N 18 
GLN N   H2   sing N N 19 
GLN CA  C    sing N N 20 
GLN CA  CB   sing N N 21 
GLN CA  HA   sing N N 22 
GLN C   O    doub N N 23 
GLN C   OXT  sing N N 24 
GLN CB  CG   sing N N 25 
GLN CB  HB2  sing N N 26 
GLN CB  HB3  sing N N 27 
GLN CG  CD   sing N N 28 
GLN CG  HG2  sing N N 29 
GLN CG  HG3  sing N N 30 
GLN CD  OE1  doub N N 31 
GLN CD  NE2  sing N N 32 
GLN NE2 HE21 sing N N 33 
GLN NE2 HE22 sing N N 34 
GLN OXT HXT  sing N N 35 
GLY N   CA   sing N N 36 
GLY N   H    sing N N 37 
GLY N   H2   sing N N 38 
GLY CA  C    sing N N 39 
GLY CA  HA2  sing N N 40 
GLY CA  HA3  sing N N 41 
GLY C   O    doub N N 42 
GLY C   OXT  sing N N 43 
GLY OXT HXT  sing N N 44 
HOH O   H1   sing N N 45 
HOH O   H2   sing N N 46 
SER N   CA   sing N N 47 
SER N   H    sing N N 48 
SER N   H2   sing N N 49 
SER CA  C    sing N N 50 
SER CA  CB   sing N N 51 
SER CA  HA   sing N N 52 
SER C   O    doub N N 53 
SER C   OXT  sing N N 54 
SER CB  OG   sing N N 55 
SER CB  HB2  sing N N 56 
SER CB  HB3  sing N N 57 
SER OG  HG   sing N N 58 
SER OXT HXT  sing N N 59 
# 
_pdbx_audit_support.funding_organization   'National Institutes of Health/National Institute on Aging (NIH/NIA)' 
_pdbx_audit_support.country                'United States' 
_pdbx_audit_support.grant_number           'NIH NIA AG029430' 
_pdbx_audit_support.ordinal                1 
# 
_pdbx_initial_refinement_model.accession_code   ? 
_pdbx_initial_refinement_model.id               1 
_pdbx_initial_refinement_model.entity_id_list   ? 
_pdbx_initial_refinement_model.type             'in silico model' 
_pdbx_initial_refinement_model.source_name      Other 
_pdbx_initial_refinement_model.details          'idealized beta strand' 
# 
_atom_sites.entry_id                    5WKD 
_atom_sites.fract_transf_matrix[1][1]   0.01619277 
_atom_sites.fract_transf_matrix[1][2]   -0.01080806 
_atom_sites.fract_transf_matrix[1][3]   -0.00570042 
_atom_sites.fract_transf_matrix[2][1]   -0.07625193 
_atom_sites.fract_transf_matrix[2][2]   -0.16715698 
_atom_sites.fract_transf_matrix[2][3]   0.10032820 
_atom_sites.fract_transf_matrix[3][1]   -0.02129086 
_atom_sites.fract_transf_matrix[3][2]   -0.02650618 
_atom_sites.fract_transf_matrix[3][3]   -0.06034357 
_atom_sites.fract_transf_vector[1]      0.260344 
_atom_sites.fract_transf_vector[2]      0.064326 
_atom_sites.fract_transf_vector[3]      0.216266 
# 
loop_
_atom_type.symbol 
C 
N 
O 
# 
loop_
_atom_site.group_PDB 
_atom_site.id 
_atom_site.type_symbol 
_atom_site.label_atom_id 
_atom_site.label_alt_id 
_atom_site.label_comp_id 
_atom_site.label_asym_id 
_atom_site.label_entity_id 
_atom_site.label_seq_id 
_atom_site.pdbx_PDB_ins_code 
_atom_site.Cartn_x 
_atom_site.Cartn_y 
_atom_site.Cartn_z 
_atom_site.occupancy 
_atom_site.B_iso_or_equiv 
_atom_site.pdbx_formal_charge 
_atom_site.auth_seq_id 
_atom_site.auth_comp_id 
_atom_site.auth_asym_id 
_atom_site.auth_atom_id 
_atom_site.pdbx_PDB_model_num 
ATOM   1  N N   . GLY A 1 1 ? -10.439 4.736  1.163  1.00 13.41 ? 300 GLY A N   1 
ATOM   2  C CA  . GLY A 1 1 ? -9.007  4.861  0.884  1.00 11.45 ? 300 GLY A CA  1 
ATOM   3  C C   . GLY A 1 1 ? -8.335  3.551  0.642  1.00 10.36 ? 300 GLY A C   1 
ATOM   4  O O   . GLY A 1 1 ? -8.828  2.490  1.076  1.00 9.06  ? 300 GLY A O   1 
ATOM   5  N N   . ASN A 1 2 ? -7.195  3.651  -0.037 1.00 8.48  ? 301 ASN A N   1 
ATOM   6  C CA  . ASN A 1 2 ? -6.342  2.515  -0.347 1.00 10.23 ? 301 ASN A CA  1 
ATOM   7  C C   . ASN A 1 2 ? -4.904  2.830  0.048  1.00 8.85  ? 301 ASN A C   1 
ATOM   8  O O   . ASN A 1 2 ? -4.410  3.938  -0.221 1.00 7.98  ? 301 ASN A O   1 
ATOM   9  C CB  . ASN A 1 2 ? -6.375  2.248  -1.844 1.00 11.40 ? 301 ASN A CB  1 
ATOM   10 C CG  . ASN A 1 2 ? -7.719  1.713  -2.342 1.00 16.85 ? 301 ASN A CG  1 
ATOM   11 O OD1 . ASN A 1 2 ? -8.119  2.055  -3.472 1.00 24.53 ? 301 ASN A OD1 1 
ATOM   12 N ND2 . ASN A 1 2 ? -8.412  0.872  -1.541 1.00 15.59 ? 301 ASN A ND2 1 
ATOM   13 N N   . ASN A 1 3 ? -4.248  1.867  0.714  1.00 7.99  ? 302 ASN A N   1 
ATOM   14 C CA  . ASN A 1 3 ? -2.825  1.908  1.054  1.00 6.37  ? 302 ASN A CA  1 
ATOM   15 C C   . ASN A 1 3 ? -2.254  0.589  0.568  1.00 5.74  ? 302 ASN A C   1 
ATOM   16 O O   . ASN A 1 3 ? -2.766  -0.451 0.930  1.00 4.44  ? 302 ASN A O   1 
ATOM   17 C CB  . ASN A 1 3 ? -2.596  2.148  2.566  1.00 7.61  ? 302 ASN A CB  1 
ATOM   18 C CG  . ASN A 1 3 ? -3.262  3.409  3.024  1.00 6.18  ? 302 ASN A CG  1 
ATOM   19 O OD1 . ASN A 1 3 ? -2.932  4.460  2.501  1.00 6.49  ? 302 ASN A OD1 1 
ATOM   20 N ND2 . ASN A 1 3 ? -4.271  3.317  3.874  1.00 6.54  ? 302 ASN A ND2 1 
ATOM   21 N N   . GLN A 1 4 ? -1.188  0.679  -0.222 1.00 5.85  ? 303 GLN A N   1 
ATOM   22 C CA  . GLN A 1 4 ? -0.468  -0.459 -0.737 1.00 6.53  ? 303 GLN A CA  1 
ATOM   23 C C   . GLN A 1 4 ? 1.039   -0.245 -0.626 1.00 7.08  ? 303 GLN A C   1 
ATOM   24 O O   . GLN A 1 4 ? 1.517   0.785  -1.082 1.00 7.14  ? 303 GLN A O   1 
ATOM   25 C CB  . GLN A 1 4 ? -0.825  -0.589 -2.172 1.00 7.41  ? 303 GLN A CB  1 
ATOM   26 C CG  . GLN A 1 4 ? -0.157  -1.768 -2.853 1.00 9.08  ? 303 GLN A CG  1 
ATOM   27 C CD  . GLN A 1 4 ? -0.649  -1.877 -4.216 1.00 9.34  ? 303 GLN A CD  1 
ATOM   28 O OE1 . GLN A 1 4 ? -0.336  -1.042 -5.069 1.00 11.92 ? 303 GLN A OE1 1 
ATOM   29 N NE2 . GLN A 1 4 ? -1.489  -2.837 -4.426 1.00 8.56  ? 303 GLN A NE2 1 
ATOM   30 N N   . GLY A 1 5 ? 1.798   -1.210 -0.085 1.00 6.92  ? 304 GLY A N   1 
ATOM   31 C CA  . GLY A 1 5 ? 3.250   -1.104 -0.070 1.00 7.01  ? 304 GLY A CA  1 
ATOM   32 C C   . GLY A 1 5 ? 3.947   -2.429 -0.265 1.00 8.20  ? 304 GLY A C   1 
ATOM   33 O O   . GLY A 1 5 ? 3.443   -3.488 0.128  1.00 9.03  ? 304 GLY A O   1 
ATOM   34 N N   . SER A 1 6 ? 5.152   -2.386 -0.812 1.00 8.14  ? 305 SER A N   1 
ATOM   35 C CA  . SER A 1 6 ? 5.927   -3.566 -1.001 1.00 7.93  ? 305 SER A CA  1 
ATOM   36 C C   . SER A 1 6 ? 7.372   -3.287 -0.741 1.00 7.64  ? 305 SER A C   1 
ATOM   37 O O   . SER A 1 6 ? 7.898   -2.261 -1.203 1.00 5.66  ? 305 SER A O   1 
ATOM   38 C CB  . SER A 1 6 ? 5.751   -4.066 -2.450 1.00 10.87 ? 305 SER A CB  1 
ATOM   39 O OG  . SER A 1 6 ? 6.389   -3.189 -3.320 1.00 12.12 ? 305 SER A OG  1 
ATOM   40 N N   . ASN A 1 7 ? 8.033   -4.240 -0.058 1.00 7.94  ? 306 ASN A N   1 
ATOM   41 C CA  . ASN A 1 7 ? 9.464   -4.155 0.217  1.00 9.04  ? 306 ASN A CA  1 
ATOM   42 C C   . ASN A 1 7 ? 10.089  -5.486 -0.271 1.00 15.55 ? 306 ASN A C   1 
ATOM   43 O O   . ASN A 1 7 ? 9.381   -6.411 -0.792 1.00 18.57 ? 306 ASN A O   1 
ATOM   44 C CB  . ASN A 1 7 ? 9.750   -3.940 1.719  1.00 9.12  ? 306 ASN A CB  1 
ATOM   45 C CG  . ASN A 1 7 ? 9.169   -2.657 2.206  1.00 10.74 ? 306 ASN A CG  1 
ATOM   46 O OD1 . ASN A 1 7 ? 9.561   -1.568 1.713  1.00 15.42 ? 306 ASN A OD1 1 
ATOM   47 N ND2 . ASN A 1 7 ? 8.247   -2.731 3.165  1.00 10.39 ? 306 ASN A ND2 1 
ATOM   48 O OXT . ASN A 1 7 ? 11.333  -5.647 -0.143 1.00 21.94 ? 306 ASN A OXT 1 
HETATM 49 O O   . HOH B 2 . ? 11.170  -6.810 2.625  0.50 23.31 ? 401 HOH A O   1 
HETATM 50 O O   . HOH B 2 . ? 1.946   3.149  1.440  1.00 13.65 ? 402 HOH A O   1 
# 
